data_5KHC
#
_entry.id   5KHC
#
_entity_poly.entity_id   1
_entity_poly.type   'polypeptide(L)'
_entity_poly.pdbx_seq_one_letter_code
;EEAFTYLCTAPGCATQTPVPVRLAGVRFESKIVDGGCFAPWDLEATGACICEIPTDVSCEGLGAWVPTAPCARIWNGTQR
ACTFWAVNAYSSGGYAQLASYFNPGGSYYKQYHPTACEVEPAFGHSDAACWGFPTDTVMSVFALASYVQHPHKTVRVKFH
TETRTVWQLSVAGVSCNVTTEHPFCNTPHGQLEVQVPPDPGDLVEYIMNYTGNQQSRWGLGSPNCHGPDWASPVCQRHSP
DCSRLVGATPERPRLRLVDADDPLLRTAPGPGEVWVTPVIGSQARKCGLHIRAGPYGHATVEMPEWIHAHTTSDPWHPPG
PLGLKFKTVRPVALPRALAPPRNVRVTGCYQCGTPALVEGLAPGGGNCHLTVNGEDVGAFPPGKFVTAALLNTPPPYQVS
CGGESDRASARVIDPAAQSFTGVVYGTHTTAVSETRFEDDDDKAGWSHPQFEKGGGSGGGSGGGSWSHPQFEK
;
_entity_poly.pdbx_strand_id   A
#
# COMPACT_ATOMS: atom_id res chain seq x y z
N GLU A 1 -14.41 49.32 9.55
CA GLU A 1 -14.21 49.83 8.20
C GLU A 1 -14.13 48.73 7.13
N GLU A 2 -14.55 49.04 5.89
CA GLU A 2 -14.46 48.13 4.75
C GLU A 2 -12.99 48.20 4.31
N ALA A 3 -12.23 47.12 4.58
CA ALA A 3 -10.80 47.08 4.26
C ALA A 3 -10.35 45.77 3.61
N PHE A 4 -9.19 45.83 2.93
CA PHE A 4 -8.58 44.69 2.27
C PHE A 4 -7.07 44.67 2.49
N THR A 5 -6.52 43.46 2.71
CA THR A 5 -5.09 43.20 2.87
C THR A 5 -4.74 41.77 2.49
N TYR A 6 -3.51 41.57 2.00
CA TYR A 6 -3.01 40.24 1.66
C TYR A 6 -2.22 39.70 2.85
N LEU A 7 -2.47 38.42 3.20
CA LEU A 7 -1.75 37.76 4.29
C LEU A 7 -0.93 36.61 3.71
N CYS A 8 0.41 36.64 3.90
CA CYS A 8 1.25 35.55 3.42
C CYS A 8 1.04 34.27 4.23
N THR A 9 1.39 33.12 3.66
CA THR A 9 1.13 31.80 4.24
C THR A 9 2.29 31.13 4.99
N ALA A 10 3.40 31.86 5.17
CA ALA A 10 4.60 31.36 5.83
C ALA A 10 4.59 31.58 7.35
N PRO A 11 5.34 30.79 8.17
CA PRO A 11 5.38 31.06 9.62
C PRO A 11 5.99 32.43 9.88
N GLY A 12 5.32 33.22 10.72
CA GLY A 12 5.73 34.58 11.04
C GLY A 12 4.90 35.65 10.34
N CYS A 13 4.10 35.23 9.32
CA CYS A 13 3.23 36.13 8.55
C CYS A 13 2.09 36.67 9.39
N ALA A 14 1.93 38.01 9.37
CA ALA A 14 0.91 38.73 10.13
C ALA A 14 0.63 40.10 9.53
N THR A 15 -0.64 40.53 9.57
CA THR A 15 -1.09 41.86 9.15
C THR A 15 -1.59 42.58 10.39
N GLN A 16 -1.55 43.93 10.40
CA GLN A 16 -1.94 44.70 11.58
C GLN A 16 -3.23 45.49 11.45
N THR A 17 -3.57 45.96 10.24
CA THR A 17 -4.75 46.80 10.01
C THR A 17 -5.86 46.16 9.15
N PRO A 18 -7.16 46.45 9.42
CA PRO A 18 -7.71 47.26 10.53
C PRO A 18 -7.71 46.52 11.87
N VAL A 19 -7.65 45.19 11.82
CA VAL A 19 -7.61 44.25 12.95
C VAL A 19 -6.45 43.26 12.66
N PRO A 20 -5.55 42.97 13.64
CA PRO A 20 -4.44 42.05 13.36
C PRO A 20 -4.88 40.61 13.11
N VAL A 21 -4.30 40.01 12.06
CA VAL A 21 -4.56 38.63 11.66
C VAL A 21 -3.19 37.96 11.52
N ARG A 22 -2.95 36.93 12.34
CA ARG A 22 -1.70 36.18 12.36
C ARG A 22 -1.92 34.78 11.80
N LEU A 23 -1.00 34.32 10.93
CA LEU A 23 -1.02 32.97 10.38
C LEU A 23 -0.42 32.09 11.49
N ALA A 24 -1.28 31.40 12.25
CA ALA A 24 -0.87 30.54 13.37
C ALA A 24 -0.31 29.20 12.92
N GLY A 25 -0.72 28.74 11.74
CA GLY A 25 -0.27 27.48 11.17
C GLY A 25 -1.08 27.03 9.97
N VAL A 26 -0.62 25.96 9.32
CA VAL A 26 -1.28 25.38 8.15
C VAL A 26 -1.42 23.88 8.37
N ARG A 27 -2.67 23.40 8.33
CA ARG A 27 -2.98 21.98 8.46
C ARG A 27 -3.98 21.59 7.36
N PHE A 28 -4.58 20.39 7.43
CA PHE A 28 -5.52 19.97 6.42
C PHE A 28 -6.60 19.04 6.97
N GLU A 29 -7.77 19.06 6.33
CA GLU A 29 -8.92 18.21 6.60
C GLU A 29 -9.12 17.36 5.36
N SER A 30 -9.66 16.14 5.52
CA SER A 30 -9.91 15.25 4.39
C SER A 30 -10.88 14.14 4.78
N LYS A 31 -11.29 13.35 3.77
CA LYS A 31 -12.10 12.17 3.95
C LYS A 31 -11.16 11.03 3.61
N ILE A 32 -10.68 10.34 4.65
CA ILE A 32 -9.69 9.26 4.59
C ILE A 32 -10.26 8.01 3.92
N VAL A 33 -9.43 7.38 3.07
CA VAL A 33 -9.71 6.13 2.39
C VAL A 33 -8.50 5.24 2.69
N ASP A 34 -8.62 4.34 3.69
CA ASP A 34 -7.53 3.46 4.10
C ASP A 34 -7.44 2.26 3.16
N GLY A 35 -6.35 2.19 2.40
CA GLY A 35 -6.08 1.12 1.45
C GLY A 35 -5.42 -0.10 2.06
N GLY A 36 -4.99 0.00 3.31
CA GLY A 36 -4.32 -1.09 4.02
C GLY A 36 -2.83 -1.11 3.75
N CYS A 37 -2.29 -2.29 3.42
CA CYS A 37 -0.86 -2.49 3.16
C CYS A 37 -0.50 -2.54 1.68
N PHE A 38 0.63 -1.92 1.35
CA PHE A 38 1.18 -1.88 0.00
C PHE A 38 2.67 -2.18 0.04
N ALA A 39 3.16 -2.90 -0.97
CA ALA A 39 4.56 -3.29 -1.05
C ALA A 39 4.97 -3.50 -2.51
N PRO A 40 6.26 -3.38 -2.87
CA PRO A 40 6.64 -3.65 -4.27
C PRO A 40 6.55 -5.14 -4.60
N TRP A 41 6.47 -5.48 -5.88
CA TRP A 41 6.48 -6.88 -6.32
C TRP A 41 7.95 -7.27 -6.35
N ASP A 42 8.41 -8.00 -5.32
CA ASP A 42 9.81 -8.42 -5.21
C ASP A 42 10.03 -9.85 -5.62
N LEU A 43 10.51 -10.05 -6.86
CA LEU A 43 10.83 -11.37 -7.37
C LEU A 43 12.13 -11.84 -6.72
N GLU A 44 12.05 -12.90 -5.92
CA GLU A 44 13.21 -13.47 -5.23
C GLU A 44 13.40 -14.89 -5.74
N ALA A 45 14.65 -15.26 -6.00
CA ALA A 45 14.97 -16.59 -6.51
C ALA A 45 16.12 -17.25 -5.80
N THR A 46 16.05 -18.59 -5.69
CA THR A 46 17.08 -19.44 -5.11
C THR A 46 17.11 -20.76 -5.87
N GLY A 47 17.98 -21.66 -5.45
CA GLY A 47 18.11 -22.97 -6.03
C GLY A 47 19.44 -23.61 -5.71
N ALA A 48 19.78 -24.66 -6.46
CA ALA A 48 21.04 -25.39 -6.32
C ALA A 48 21.34 -26.25 -7.52
N CYS A 49 22.63 -26.40 -7.78
CA CYS A 49 23.16 -27.30 -8.78
C CYS A 49 23.55 -28.51 -7.92
N ILE A 50 22.98 -29.67 -8.24
CA ILE A 50 23.14 -30.89 -7.44
C ILE A 50 23.78 -32.03 -8.24
N CYS A 51 24.88 -32.59 -7.73
CA CYS A 51 25.54 -33.73 -8.40
C CYS A 51 25.01 -35.03 -7.81
N GLU A 52 23.68 -35.21 -7.95
CA GLU A 52 22.88 -36.30 -7.42
C GLU A 52 21.49 -36.20 -8.05
N ILE A 53 20.64 -37.22 -7.87
CA ILE A 53 19.24 -37.22 -8.29
C ILE A 53 18.42 -37.33 -6.98
N PRO A 54 18.16 -36.18 -6.29
CA PRO A 54 17.40 -36.23 -5.04
C PRO A 54 16.00 -36.83 -5.19
N THR A 55 15.55 -37.51 -4.14
CA THR A 55 14.27 -38.21 -4.08
C THR A 55 13.18 -37.38 -3.41
N ASP A 56 13.55 -36.21 -2.83
CA ASP A 56 12.61 -35.32 -2.16
C ASP A 56 12.85 -33.87 -2.56
N VAL A 57 12.05 -33.37 -3.53
CA VAL A 57 12.15 -32.01 -4.03
C VAL A 57 11.28 -31.08 -3.17
N SER A 58 11.88 -30.61 -2.07
CA SER A 58 11.31 -29.69 -1.07
C SER A 58 12.49 -29.03 -0.36
N CYS A 59 12.24 -27.97 0.44
CA CYS A 59 13.32 -27.27 1.17
C CYS A 59 14.08 -28.21 2.12
N GLU A 60 13.36 -29.09 2.84
CA GLU A 60 13.95 -30.06 3.76
C GLU A 60 14.70 -31.16 2.99
N GLY A 61 14.07 -31.70 1.95
CA GLY A 61 14.63 -32.75 1.10
C GLY A 61 15.86 -32.35 0.32
N LEU A 62 16.02 -31.03 0.07
CA LEU A 62 17.17 -30.47 -0.64
C LEU A 62 18.09 -29.66 0.28
N GLY A 63 17.94 -29.84 1.59
CA GLY A 63 18.70 -29.17 2.64
C GLY A 63 20.21 -29.27 2.54
N ALA A 64 20.72 -30.36 1.94
CA ALA A 64 22.15 -30.58 1.73
C ALA A 64 22.75 -29.69 0.64
N TRP A 65 21.92 -29.04 -0.20
CA TRP A 65 22.40 -28.21 -1.32
C TRP A 65 21.80 -26.80 -1.38
N VAL A 66 20.48 -26.66 -1.19
CA VAL A 66 19.75 -25.39 -1.30
C VAL A 66 19.91 -24.53 -0.02
N PRO A 67 20.26 -23.21 -0.14
CA PRO A 67 20.36 -22.37 1.07
C PRO A 67 19.05 -22.37 1.87
N THR A 68 19.13 -22.74 3.16
CA THR A 68 18.02 -22.92 4.12
C THR A 68 17.03 -21.75 4.23
N ALA A 69 17.46 -20.60 4.78
CA ALA A 69 16.62 -19.42 4.97
C ALA A 69 16.02 -18.89 3.64
N PRO A 70 16.79 -18.72 2.53
CA PRO A 70 16.13 -18.27 1.28
C PRO A 70 15.09 -19.25 0.75
N CYS A 71 15.32 -20.59 0.85
CA CYS A 71 14.35 -21.61 0.40
C CYS A 71 13.03 -21.47 1.14
N ALA A 72 13.07 -21.49 2.49
CA ALA A 72 11.90 -21.38 3.37
C ALA A 72 11.11 -20.10 3.12
N ARG A 73 11.81 -18.95 2.99
CA ARG A 73 11.21 -17.64 2.75
C ARG A 73 10.56 -17.56 1.35
N ILE A 74 11.27 -18.03 0.30
CA ILE A 74 10.76 -18.01 -1.07
C ILE A 74 9.60 -19.02 -1.28
N TRP A 75 9.65 -20.16 -0.57
CA TRP A 75 8.60 -21.19 -0.62
C TRP A 75 7.25 -20.64 -0.14
N ASN A 76 7.29 -19.75 0.88
CA ASN A 76 6.10 -19.12 1.47
C ASN A 76 5.64 -17.85 0.72
N GLY A 77 6.34 -17.49 -0.35
CA GLY A 77 6.04 -16.32 -1.17
C GLY A 77 4.83 -16.47 -2.06
N THR A 78 4.43 -15.36 -2.70
CA THR A 78 3.27 -15.29 -3.59
C THR A 78 3.65 -15.77 -5.00
N GLN A 79 2.73 -16.54 -5.64
CA GLN A 79 2.87 -17.07 -7.00
C GLN A 79 4.16 -17.89 -7.14
N ARG A 80 4.37 -18.82 -6.22
CA ARG A 80 5.56 -19.68 -6.20
C ARG A 80 5.67 -20.54 -7.45
N ALA A 81 6.90 -20.65 -7.97
CA ALA A 81 7.24 -21.51 -9.09
C ALA A 81 8.56 -22.20 -8.76
N CYS A 82 8.61 -23.51 -8.99
CA CYS A 82 9.81 -24.32 -8.78
C CYS A 82 9.92 -25.44 -9.78
N THR A 83 11.13 -25.64 -10.30
CA THR A 83 11.42 -26.67 -11.28
C THR A 83 12.64 -27.47 -10.87
N PHE A 84 12.58 -28.78 -11.08
CA PHE A 84 13.66 -29.72 -10.84
C PHE A 84 14.00 -30.36 -12.18
N TRP A 85 15.22 -30.09 -12.68
CA TRP A 85 15.69 -30.63 -13.96
C TRP A 85 16.67 -31.75 -13.74
N ALA A 86 16.51 -32.87 -14.47
CA ALA A 86 17.45 -33.99 -14.43
C ALA A 86 18.39 -33.81 -15.63
N VAL A 87 19.63 -33.38 -15.36
CA VAL A 87 20.65 -33.13 -16.40
C VAL A 87 21.28 -34.46 -16.81
N ASN A 88 21.68 -35.27 -15.82
CA ASN A 88 22.28 -36.58 -16.04
C ASN A 88 21.79 -37.51 -14.93
N ALA A 89 20.92 -38.45 -15.31
CA ALA A 89 20.29 -39.40 -14.38
C ALA A 89 21.18 -40.61 -14.11
N TYR A 90 20.68 -41.54 -13.28
CA TYR A 90 21.35 -42.80 -12.94
C TYR A 90 21.40 -43.67 -14.19
N SER A 91 22.56 -44.29 -14.47
CA SER A 91 22.71 -45.19 -15.62
C SER A 91 22.13 -46.57 -15.28
N SER A 92 22.16 -46.94 -13.99
CA SER A 92 21.65 -48.20 -13.44
C SER A 92 21.33 -48.04 -11.95
N GLY A 93 20.54 -48.98 -11.42
CA GLY A 93 20.13 -49.03 -10.03
C GLY A 93 19.29 -47.84 -9.60
N GLY A 94 19.38 -47.50 -8.31
CA GLY A 94 18.63 -46.40 -7.72
C GLY A 94 17.17 -46.73 -7.54
N TYR A 95 16.35 -45.71 -7.25
CA TYR A 95 14.92 -45.86 -7.04
C TYR A 95 14.19 -44.72 -7.74
N ALA A 96 13.61 -45.02 -8.92
CA ALA A 96 12.92 -44.07 -9.82
C ALA A 96 13.85 -42.89 -10.17
N GLN A 97 15.14 -43.21 -10.42
CA GLN A 97 16.21 -42.25 -10.71
C GLN A 97 16.84 -42.40 -12.10
N LEU A 98 16.36 -43.36 -12.92
CA LEU A 98 16.84 -43.57 -14.30
C LEU A 98 16.29 -42.45 -15.20
N ALA A 99 16.87 -42.28 -16.42
CA ALA A 99 16.44 -41.28 -17.38
C ALA A 99 14.98 -41.44 -17.82
N SER A 100 14.49 -42.71 -17.88
CA SER A 100 13.13 -43.08 -18.25
C SER A 100 12.05 -42.51 -17.32
N TYR A 101 12.42 -42.21 -16.05
CA TYR A 101 11.50 -41.65 -15.06
C TYR A 101 11.31 -40.14 -15.27
N PHE A 102 12.17 -39.54 -16.12
CA PHE A 102 12.11 -38.13 -16.44
C PHE A 102 11.51 -37.87 -17.82
N ASN A 103 10.23 -38.22 -17.95
CA ASN A 103 9.42 -37.96 -19.14
C ASN A 103 9.00 -36.48 -19.05
N PRO A 104 8.55 -35.79 -20.13
CA PRO A 104 8.13 -34.37 -19.97
C PRO A 104 7.03 -34.25 -18.92
N GLY A 105 7.27 -33.42 -17.90
CA GLY A 105 6.36 -33.23 -16.78
C GLY A 105 6.71 -34.09 -15.58
N GLY A 106 7.62 -35.05 -15.78
CA GLY A 106 8.16 -35.95 -14.77
C GLY A 106 7.18 -36.75 -13.93
N SER A 107 6.04 -37.16 -14.53
CA SER A 107 5.00 -37.93 -13.84
C SER A 107 5.49 -39.29 -13.33
N TYR A 108 6.40 -39.97 -14.07
CA TYR A 108 6.96 -41.26 -13.67
C TYR A 108 7.81 -41.14 -12.40
N TYR A 109 8.63 -40.07 -12.32
CA TYR A 109 9.46 -39.77 -11.15
C TYR A 109 8.54 -39.40 -9.96
N LYS A 110 7.57 -38.47 -10.19
CA LYS A 110 6.61 -37.97 -9.20
C LYS A 110 5.75 -39.06 -8.53
N GLN A 111 5.50 -40.16 -9.25
CA GLN A 111 4.73 -41.32 -8.80
C GLN A 111 5.38 -41.95 -7.55
N TYR A 112 6.72 -42.03 -7.53
CA TYR A 112 7.51 -42.57 -6.43
C TYR A 112 8.08 -41.46 -5.56
N HIS A 113 8.33 -40.28 -6.14
CA HIS A 113 8.90 -39.13 -5.44
C HIS A 113 8.01 -37.88 -5.55
N PRO A 114 6.88 -37.81 -4.80
CA PRO A 114 6.00 -36.64 -4.91
C PRO A 114 6.65 -35.32 -4.53
N THR A 115 6.25 -34.24 -5.24
CA THR A 115 6.74 -32.87 -5.06
C THR A 115 5.73 -31.87 -5.62
N ALA A 116 5.68 -30.67 -4.99
CA ALA A 116 4.81 -29.57 -5.43
C ALA A 116 5.44 -28.83 -6.63
N CYS A 117 6.71 -29.16 -6.93
CA CYS A 117 7.50 -28.57 -8.00
C CYS A 117 7.33 -29.28 -9.32
N GLU A 118 7.63 -28.59 -10.42
CA GLU A 118 7.62 -29.17 -11.76
C GLU A 118 8.90 -30.00 -11.92
N VAL A 119 8.80 -31.13 -12.63
CA VAL A 119 9.93 -32.03 -12.86
C VAL A 119 10.11 -32.15 -14.37
N GLU A 120 11.31 -31.86 -14.87
CA GLU A 120 11.54 -31.89 -16.31
C GLU A 120 12.84 -32.57 -16.71
N PRO A 121 12.89 -33.26 -17.88
CA PRO A 121 14.18 -33.78 -18.34
C PRO A 121 15.04 -32.62 -18.87
N ALA A 122 16.36 -32.73 -18.74
CA ALA A 122 17.30 -31.72 -19.24
C ALA A 122 18.56 -32.39 -19.78
N PHE A 123 18.42 -33.60 -20.35
N PHE A 123 18.36 -33.57 -20.40
CA PHE A 123 19.51 -34.46 -20.82
CA PHE A 123 19.40 -34.35 -21.07
C PHE A 123 20.52 -33.94 -21.88
C PHE A 123 19.67 -33.62 -22.36
N GLY A 124 20.14 -32.91 -22.64
N GLY A 124 20.94 -33.26 -22.56
CA GLY A 124 21.01 -32.33 -23.66
CA GLY A 124 21.39 -32.45 -23.67
C GLY A 124 21.79 -31.12 -23.21
C GLY A 124 22.08 -31.21 -23.14
N HIS A 125 21.68 -30.77 -21.92
CA HIS A 125 22.33 -29.62 -21.27
C HIS A 125 23.71 -30.10 -20.78
N SER A 126 24.66 -29.18 -20.62
CA SER A 126 26.03 -29.50 -20.17
C SER A 126 26.03 -30.02 -18.73
N ASP A 127 26.69 -31.18 -18.52
CA ASP A 127 26.84 -31.81 -17.22
C ASP A 127 28.27 -31.63 -16.67
N ALA A 128 29.06 -30.75 -17.33
CA ALA A 128 30.47 -30.45 -17.02
C ALA A 128 30.71 -29.96 -15.60
N ALA A 129 29.71 -29.29 -14.99
CA ALA A 129 29.79 -28.77 -13.61
C ALA A 129 29.94 -29.89 -12.56
N CYS A 130 29.46 -31.11 -12.88
CA CYS A 130 29.54 -32.27 -12.00
C CYS A 130 30.60 -33.27 -12.46
N TRP A 131 31.76 -33.22 -11.79
CA TRP A 131 32.91 -34.07 -12.09
C TRP A 131 33.35 -34.86 -10.85
N GLY A 132 34.22 -35.84 -11.07
CA GLY A 132 34.75 -36.70 -10.01
C GLY A 132 33.98 -37.99 -9.82
N PHE A 133 33.21 -38.39 -10.85
CA PHE A 133 32.43 -39.63 -10.86
C PHE A 133 33.19 -40.67 -11.72
N PRO A 134 33.65 -41.80 -11.14
CA PRO A 134 34.40 -42.77 -11.94
C PRO A 134 33.59 -43.56 -12.96
N THR A 135 32.33 -43.91 -12.65
CA THR A 135 31.49 -44.70 -13.54
C THR A 135 30.20 -44.04 -14.01
N ASP A 136 29.42 -43.45 -13.10
CA ASP A 136 28.14 -42.85 -13.43
C ASP A 136 27.97 -41.40 -12.95
N THR A 137 28.11 -40.44 -13.88
CA THR A 137 27.93 -39.01 -13.61
C THR A 137 26.44 -38.74 -13.35
N VAL A 138 26.15 -38.07 -12.24
CA VAL A 138 24.79 -37.71 -11.86
C VAL A 138 24.68 -36.21 -11.64
N MET A 139 23.65 -35.57 -12.22
CA MET A 139 23.45 -34.13 -12.13
C MET A 139 21.99 -33.73 -12.26
N SER A 140 21.58 -32.82 -11.39
CA SER A 140 20.25 -32.23 -11.37
C SER A 140 20.36 -30.75 -10.98
N VAL A 141 19.35 -29.96 -11.34
CA VAL A 141 19.30 -28.52 -11.04
C VAL A 141 17.93 -28.20 -10.45
N PHE A 142 17.92 -27.42 -9.37
CA PHE A 142 16.70 -26.96 -8.72
C PHE A 142 16.66 -25.44 -8.75
N ALA A 143 15.50 -24.88 -9.11
CA ALA A 143 15.27 -23.44 -9.14
C ALA A 143 13.94 -23.18 -8.46
N LEU A 144 13.89 -22.13 -7.63
CA LEU A 144 12.71 -21.75 -6.88
C LEU A 144 12.60 -20.23 -6.87
N ALA A 145 11.42 -19.71 -7.22
CA ALA A 145 11.16 -18.27 -7.27
C ALA A 145 9.71 -17.94 -6.92
N SER A 146 9.50 -16.77 -6.32
CA SER A 146 8.20 -16.25 -5.92
C SER A 146 8.30 -14.75 -5.64
N TYR A 147 7.16 -14.11 -5.40
CA TYR A 147 7.10 -12.70 -5.05
C TYR A 147 7.02 -12.62 -3.53
N VAL A 148 8.16 -12.33 -2.90
CA VAL A 148 8.32 -12.26 -1.45
C VAL A 148 7.94 -10.86 -0.94
N GLN A 149 7.14 -10.81 0.13
CA GLN A 149 6.75 -9.54 0.74
C GLN A 149 7.72 -9.23 1.86
N HIS A 150 8.60 -8.24 1.63
CA HIS A 150 9.60 -7.82 2.61
C HIS A 150 8.96 -6.84 3.60
N PRO A 151 9.00 -7.14 4.93
CA PRO A 151 8.36 -6.23 5.91
C PRO A 151 8.89 -4.80 5.90
N HIS A 152 10.21 -4.62 5.64
CA HIS A 152 10.86 -3.31 5.58
C HIS A 152 10.40 -2.48 4.36
N LYS A 153 9.84 -3.16 3.35
CA LYS A 153 9.33 -2.55 2.11
C LYS A 153 7.81 -2.33 2.14
N THR A 154 7.11 -2.93 3.14
CA THR A 154 5.66 -2.80 3.28
C THR A 154 5.31 -1.47 3.96
N VAL A 155 4.37 -0.72 3.33
CA VAL A 155 3.91 0.59 3.79
CA VAL A 155 3.91 0.57 3.85
C VAL A 155 2.39 0.57 3.98
N ARG A 156 1.88 1.24 5.03
CA ARG A 156 0.45 1.38 5.27
C ARG A 156 0.08 2.65 4.50
N VAL A 157 -0.96 2.61 3.66
CA VAL A 157 -1.32 3.78 2.85
C VAL A 157 -2.76 4.24 3.06
N LYS A 158 -2.91 5.54 3.33
CA LYS A 158 -4.20 6.19 3.48
C LYS A 158 -4.33 7.23 2.38
N PHE A 159 -5.38 7.12 1.56
CA PHE A 159 -5.68 8.08 0.49
C PHE A 159 -6.52 9.17 1.13
N HIS A 160 -6.21 10.43 0.81
CA HIS A 160 -6.94 11.57 1.35
C HIS A 160 -7.73 12.22 0.24
N THR A 161 -9.07 12.16 0.36
CA THR A 161 -9.99 12.71 -0.63
C THR A 161 -10.70 13.91 -0.02
N GLU A 162 -11.37 14.74 -0.87
CA GLU A 162 -12.09 15.95 -0.43
C GLU A 162 -11.21 16.80 0.49
N THR A 163 -9.89 16.86 0.15
CA THR A 163 -8.86 17.57 0.90
CA THR A 163 -8.89 17.59 0.93
C THR A 163 -9.21 19.06 1.00
N ARG A 164 -9.07 19.62 2.20
CA ARG A 164 -9.32 21.03 2.47
C ARG A 164 -8.14 21.56 3.26
N THR A 165 -7.40 22.52 2.69
CA THR A 165 -6.28 23.14 3.39
C THR A 165 -6.88 23.99 4.51
N VAL A 166 -6.36 23.84 5.74
CA VAL A 166 -6.83 24.58 6.89
C VAL A 166 -5.82 25.68 7.20
N TRP A 167 -6.23 26.94 7.00
CA TRP A 167 -5.38 28.10 7.29
C TRP A 167 -5.76 28.53 8.70
N GLN A 168 -4.92 28.18 9.69
CA GLN A 168 -5.15 28.50 11.09
C GLN A 168 -4.75 29.93 11.36
N LEU A 169 -5.74 30.76 11.67
CA LEU A 169 -5.54 32.18 11.91
C LEU A 169 -5.86 32.57 13.33
N SER A 170 -5.32 33.70 13.75
CA SER A 170 -5.58 34.31 15.05
C SER A 170 -5.99 35.75 14.73
N VAL A 171 -7.28 36.04 14.87
CA VAL A 171 -7.85 37.36 14.59
C VAL A 171 -8.00 38.07 15.93
N ALA A 172 -7.05 39.00 16.23
CA ALA A 172 -6.96 39.74 17.49
C ALA A 172 -7.03 38.79 18.73
N GLY A 173 -6.30 37.68 18.64
CA GLY A 173 -6.22 36.66 19.68
C GLY A 173 -7.27 35.56 19.62
N VAL A 174 -8.25 35.69 18.72
CA VAL A 174 -9.34 34.73 18.57
C VAL A 174 -9.03 33.75 17.43
N SER A 175 -9.01 32.45 17.75
CA SER A 175 -8.73 31.39 16.79
C SER A 175 -9.83 31.25 15.73
N CYS A 176 -9.42 31.20 14.46
CA CYS A 176 -10.31 31.01 13.32
C CYS A 176 -9.61 30.12 12.31
N ASN A 177 -10.23 28.98 11.98
CA ASN A 177 -9.68 28.02 11.03
C ASN A 177 -10.44 28.14 9.72
N VAL A 178 -9.80 28.75 8.72
CA VAL A 178 -10.42 28.97 7.42
C VAL A 178 -10.11 27.92 6.39
N THR A 179 -11.14 27.52 5.65
CA THR A 179 -11.08 26.57 4.54
C THR A 179 -11.99 27.11 3.44
N THR A 180 -12.01 26.45 2.28
CA THR A 180 -12.87 26.76 1.13
C THR A 180 -14.35 26.55 1.54
N GLU A 181 -14.60 25.64 2.49
CA GLU A 181 -15.94 25.34 3.00
C GLU A 181 -16.40 26.37 4.03
N HIS A 182 -15.49 26.81 4.91
CA HIS A 182 -15.77 27.77 5.99
C HIS A 182 -14.76 28.94 5.97
N PRO A 183 -14.95 29.94 5.08
CA PRO A 183 -13.97 31.02 4.96
C PRO A 183 -14.23 32.29 5.79
N PHE A 184 -15.21 32.25 6.71
CA PHE A 184 -15.56 33.42 7.52
C PHE A 184 -15.03 33.39 8.95
N CYS A 185 -14.65 34.58 9.48
CA CYS A 185 -14.15 34.81 10.83
C CYS A 185 -14.90 36.00 11.44
N ASN A 186 -15.08 35.98 12.76
CA ASN A 186 -15.67 37.11 13.47
C ASN A 186 -14.54 38.03 13.92
N THR A 187 -14.70 39.35 13.68
CA THR A 187 -13.75 40.38 14.10
C THR A 187 -14.42 41.20 15.23
N PRO A 188 -13.66 41.90 16.12
CA PRO A 188 -14.30 42.65 17.24
C PRO A 188 -15.69 43.26 17.00
N HIS A 189 -15.89 43.96 15.86
CA HIS A 189 -17.17 44.61 15.56
C HIS A 189 -17.70 44.37 14.12
N GLY A 190 -17.19 43.33 13.45
CA GLY A 190 -17.60 42.97 12.09
C GLY A 190 -17.37 41.53 11.70
N GLN A 191 -17.15 41.30 10.39
CA GLN A 191 -16.91 39.97 9.83
C GLN A 191 -15.74 39.99 8.84
N LEU A 192 -14.88 38.98 8.93
CA LEU A 192 -13.75 38.80 8.02
C LEU A 192 -14.05 37.65 7.07
N GLU A 193 -13.99 37.92 5.76
CA GLU A 193 -14.16 36.89 4.74
C GLU A 193 -12.76 36.66 4.16
N VAL A 194 -12.28 35.41 4.23
CA VAL A 194 -10.95 35.09 3.72
C VAL A 194 -11.03 34.45 2.34
N GLN A 195 -10.42 35.10 1.35
CA GLN A 195 -10.31 34.57 -0.01
C GLN A 195 -9.13 33.59 0.06
N VAL A 196 -9.40 32.34 -0.26
CA VAL A 196 -8.41 31.26 -0.18
C VAL A 196 -8.12 30.63 -1.55
N PRO A 197 -6.90 30.12 -1.81
CA PRO A 197 -6.64 29.46 -3.10
C PRO A 197 -7.37 28.10 -3.15
N PRO A 198 -7.52 27.44 -4.32
CA PRO A 198 -8.20 26.13 -4.31
C PRO A 198 -7.46 25.10 -3.48
N ASP A 199 -8.16 24.03 -3.12
CA ASP A 199 -7.61 22.91 -2.38
C ASP A 199 -6.63 22.11 -3.27
N PRO A 200 -5.65 21.37 -2.70
CA PRO A 200 -4.64 20.72 -3.57
C PRO A 200 -5.06 19.43 -4.27
N GLY A 201 -6.30 18.99 -4.10
CA GLY A 201 -6.75 17.73 -4.68
C GLY A 201 -6.36 16.59 -3.76
N ASP A 202 -6.49 15.35 -4.24
CA ASP A 202 -6.17 14.16 -3.44
C ASP A 202 -4.70 14.05 -3.01
N LEU A 203 -4.48 13.53 -1.78
CA LEU A 203 -3.15 13.31 -1.22
C LEU A 203 -2.96 11.81 -0.97
N VAL A 204 -1.69 11.38 -0.90
CA VAL A 204 -1.33 10.00 -0.58
C VAL A 204 -0.47 10.05 0.69
N GLU A 205 -0.92 9.35 1.75
CA GLU A 205 -0.19 9.29 3.01
C GLU A 205 0.50 7.94 3.14
N TYR A 206 1.84 7.94 3.06
CA TYR A 206 2.65 6.73 3.20
C TYR A 206 3.04 6.64 4.67
N ILE A 207 2.55 5.62 5.36
CA ILE A 207 2.80 5.43 6.79
C ILE A 207 3.95 4.46 7.02
N MET A 208 5.08 4.99 7.51
CA MET A 208 6.31 4.26 7.80
C MET A 208 6.27 3.79 9.26
N ASN A 209 6.54 2.50 9.49
CA ASN A 209 6.52 1.93 10.84
C ASN A 209 7.62 0.88 11.01
C ASN A 213 7.60 5.10 14.28
N GLN A 214 6.36 5.63 14.35
CA GLN A 214 5.49 5.74 13.18
C GLN A 214 5.58 7.13 12.54
N GLN A 215 5.98 7.17 11.26
CA GLN A 215 6.14 8.42 10.52
C GLN A 215 5.26 8.45 9.28
N SER A 216 4.73 9.63 8.97
CA SER A 216 3.91 9.82 7.77
C SER A 216 4.67 10.64 6.75
N ARG A 217 4.64 10.17 5.50
CA ARG A 217 5.26 10.83 4.35
C ARG A 217 4.16 11.14 3.34
N TRP A 218 4.30 12.25 2.60
CA TRP A 218 3.22 12.72 1.73
C TRP A 218 3.48 12.77 0.24
N GLY A 219 2.49 12.29 -0.48
CA GLY A 219 2.43 12.31 -1.94
C GLY A 219 1.27 13.18 -2.37
N LEU A 220 1.41 13.85 -3.52
CA LEU A 220 0.38 14.72 -4.07
C LEU A 220 -0.17 14.04 -5.32
N GLY A 221 -1.46 13.68 -5.29
CA GLY A 221 -2.12 12.99 -6.39
C GLY A 221 -2.87 11.72 -6.01
N SER A 222 -3.09 10.84 -7.02
CA SER A 222 -3.87 9.59 -6.91
C SER A 222 -3.24 8.31 -6.31
N PRO A 223 -1.96 7.91 -6.56
CA PRO A 223 -0.90 8.56 -7.33
C PRO A 223 -1.00 8.28 -8.83
N ASN A 224 -0.13 8.93 -9.61
CA ASN A 224 -0.06 8.74 -11.05
C ASN A 224 0.96 7.62 -11.30
N CYS A 225 0.46 6.40 -11.56
CA CYS A 225 1.27 5.21 -11.84
C CYS A 225 1.92 5.24 -13.24
N HIS A 226 1.60 6.26 -14.05
CA HIS A 226 2.11 6.45 -15.41
C HIS A 226 3.23 7.50 -15.50
N GLY A 227 3.56 8.15 -14.38
CA GLY A 227 4.60 9.18 -14.37
C GLY A 227 5.83 8.81 -13.56
N PRO A 228 6.58 9.81 -13.01
CA PRO A 228 7.79 9.50 -12.22
C PRO A 228 7.59 8.68 -10.95
N ASP A 229 6.35 8.61 -10.44
CA ASP A 229 6.01 7.85 -9.23
C ASP A 229 5.48 6.43 -9.58
N TRP A 230 5.80 5.92 -10.78
CA TRP A 230 5.39 4.61 -11.30
C TRP A 230 5.73 3.45 -10.35
N ALA A 231 6.88 3.54 -9.64
CA ALA A 231 7.39 2.50 -8.75
C ALA A 231 6.82 2.53 -7.33
N SER A 232 5.80 3.39 -7.10
CA SER A 232 5.11 3.49 -5.81
C SER A 232 4.55 2.13 -5.43
N PRO A 233 4.68 1.72 -4.14
CA PRO A 233 4.09 0.43 -3.72
C PRO A 233 2.57 0.36 -3.97
N VAL A 234 1.90 1.54 -4.05
CA VAL A 234 0.47 1.70 -4.35
C VAL A 234 0.16 1.13 -5.76
N CYS A 235 1.12 1.30 -6.70
CA CYS A 235 1.01 0.81 -8.08
C CYS A 235 1.29 -0.70 -8.16
N GLN A 236 1.66 -1.32 -7.02
CA GLN A 236 2.06 -2.72 -6.98
C GLN A 236 1.17 -3.65 -6.11
N ARG A 237 1.76 -4.35 -5.13
CA ARG A 237 1.08 -5.32 -4.27
C ARG A 237 0.11 -4.66 -3.29
N HIS A 238 -1.18 -5.02 -3.35
CA HIS A 238 -2.21 -4.47 -2.48
C HIS A 238 -2.82 -5.53 -1.55
N SER A 239 -2.69 -5.31 -0.23
CA SER A 239 -3.29 -6.16 0.80
C SER A 239 -4.12 -5.28 1.74
N PRO A 240 -5.47 -5.28 1.58
CA PRO A 240 -6.32 -4.40 2.39
C PRO A 240 -6.31 -4.66 3.90
N ASP A 241 -6.17 -5.94 4.30
CA ASP A 241 -6.14 -6.35 5.71
C ASP A 241 -4.72 -6.67 6.20
N CYS A 242 -3.68 -6.32 5.39
CA CYS A 242 -2.26 -6.57 5.66
C CYS A 242 -1.99 -8.08 5.90
N SER A 243 -2.70 -8.93 5.13
CA SER A 243 -2.62 -10.39 5.22
C SER A 243 -2.96 -11.05 3.89
N ARG A 244 -4.12 -10.71 3.29
CA ARG A 244 -4.57 -11.29 2.03
C ARG A 244 -4.41 -10.33 0.84
N LEU A 245 -3.90 -10.86 -0.27
CA LEU A 245 -3.67 -10.14 -1.51
C LEU A 245 -4.95 -10.03 -2.35
N VAL A 246 -5.17 -8.87 -3.00
CA VAL A 246 -6.31 -8.62 -3.89
C VAL A 246 -5.84 -7.96 -5.20
N GLY A 247 -6.70 -8.00 -6.23
CA GLY A 247 -6.48 -7.37 -7.51
C GLY A 247 -5.35 -7.93 -8.36
N ALA A 248 -4.75 -7.04 -9.18
CA ALA A 248 -3.66 -7.30 -10.12
C ALA A 248 -2.50 -8.03 -9.46
N THR A 249 -2.08 -9.15 -10.08
CA THR A 249 -1.01 -10.02 -9.58
C THR A 249 -0.17 -10.51 -10.77
N PRO A 250 1.19 -10.50 -10.68
CA PRO A 250 2.00 -11.03 -11.78
C PRO A 250 1.78 -12.53 -11.93
N GLU A 251 2.10 -13.06 -13.12
CA GLU A 251 2.00 -14.49 -13.40
C GLU A 251 3.09 -15.21 -12.59
N ARG A 252 3.00 -16.55 -12.48
CA ARG A 252 4.02 -17.32 -11.77
C ARG A 252 5.35 -17.15 -12.52
N PRO A 253 6.50 -16.98 -11.82
CA PRO A 253 7.78 -16.81 -12.54
C PRO A 253 8.08 -17.92 -13.53
N ARG A 254 8.71 -17.56 -14.66
CA ARG A 254 9.09 -18.49 -15.70
C ARG A 254 10.55 -18.88 -15.48
N LEU A 255 10.78 -20.12 -15.00
CA LEU A 255 12.12 -20.63 -14.71
C LEU A 255 12.69 -21.36 -15.89
N ARG A 256 13.96 -21.05 -16.23
CA ARG A 256 14.66 -21.67 -17.34
C ARG A 256 16.06 -22.11 -16.93
N LEU A 257 16.47 -23.30 -17.38
CA LEU A 257 17.82 -23.81 -17.18
C LEU A 257 18.57 -23.33 -18.42
N VAL A 258 19.56 -22.45 -18.21
CA VAL A 258 20.31 -21.85 -19.31
C VAL A 258 21.81 -22.17 -19.13
N ASP A 259 22.39 -22.91 -20.09
CA ASP A 259 23.82 -23.27 -20.05
C ASP A 259 24.70 -22.05 -20.20
N ALA A 260 25.90 -22.10 -19.61
CA ALA A 260 26.88 -21.00 -19.62
C ALA A 260 27.19 -20.40 -21.01
N ASP A 261 27.20 -21.24 -22.06
CA ASP A 261 27.49 -20.81 -23.42
C ASP A 261 26.24 -20.62 -24.32
N ASP A 262 25.04 -20.57 -23.72
CA ASP A 262 23.81 -20.39 -24.48
C ASP A 262 23.70 -18.94 -24.98
N PRO A 263 23.45 -18.69 -26.30
CA PRO A 263 23.34 -17.31 -26.80
C PRO A 263 22.27 -16.45 -26.13
N LEU A 264 21.31 -17.08 -25.43
CA LEU A 264 20.23 -16.40 -24.69
C LEU A 264 20.80 -15.46 -23.62
N LEU A 265 21.97 -15.82 -23.04
CA LEU A 265 22.66 -15.04 -22.02
C LEU A 265 23.20 -13.68 -22.51
N ARG A 266 23.19 -13.44 -23.84
CA ARG A 266 23.59 -12.17 -24.45
C ARG A 266 22.48 -11.13 -24.28
N THR A 267 21.26 -11.60 -23.91
CA THR A 267 20.09 -10.76 -23.67
C THR A 267 19.72 -10.83 -22.18
N ALA A 268 18.92 -9.85 -21.71
CA ALA A 268 18.49 -9.78 -20.32
C ALA A 268 17.16 -10.52 -20.14
N PRO A 269 16.92 -11.21 -19.00
CA PRO A 269 15.61 -11.85 -18.81
C PRO A 269 14.49 -10.81 -18.68
N GLY A 270 13.30 -11.17 -19.15
CA GLY A 270 12.12 -10.30 -19.09
C GLY A 270 11.53 -10.28 -17.70
N PRO A 271 10.49 -9.43 -17.43
CA PRO A 271 9.91 -9.39 -16.07
C PRO A 271 9.30 -10.73 -15.67
N GLY A 272 9.69 -11.20 -14.49
CA GLY A 272 9.22 -12.48 -13.95
C GLY A 272 9.98 -13.70 -14.45
N GLU A 273 10.98 -13.49 -15.33
CA GLU A 273 11.79 -14.59 -15.86
C GLU A 273 13.00 -14.83 -14.96
N VAL A 274 13.29 -16.11 -14.70
CA VAL A 274 14.42 -16.50 -13.87
C VAL A 274 15.26 -17.53 -14.64
N TRP A 275 16.51 -17.17 -14.92
CA TRP A 275 17.43 -18.05 -15.65
C TRP A 275 18.50 -18.56 -14.70
N VAL A 276 18.64 -19.90 -14.62
CA VAL A 276 19.63 -20.53 -13.75
C VAL A 276 20.75 -21.18 -14.56
N THR A 277 21.99 -20.94 -14.14
CA THR A 277 23.18 -21.42 -14.85
C THR A 277 24.12 -22.17 -13.91
N PRO A 278 24.37 -23.48 -14.17
CA PRO A 278 25.30 -24.24 -13.31
C PRO A 278 26.73 -23.71 -13.44
N VAL A 279 27.43 -23.63 -12.31
CA VAL A 279 28.81 -23.15 -12.21
C VAL A 279 29.69 -24.35 -11.88
N ILE A 280 30.74 -24.58 -12.69
CA ILE A 280 31.67 -25.69 -12.48
C ILE A 280 32.28 -25.62 -11.07
N GLY A 281 32.15 -26.74 -10.35
CA GLY A 281 32.63 -26.86 -8.99
C GLY A 281 34.14 -26.92 -8.85
N SER A 282 34.66 -26.38 -7.74
CA SER A 282 36.07 -26.40 -7.38
C SER A 282 36.39 -27.72 -6.68
N GLN A 283 35.32 -28.38 -6.16
CA GLN A 283 35.37 -29.67 -5.47
C GLN A 283 34.66 -30.72 -6.33
N ALA A 284 35.04 -32.00 -6.15
CA ALA A 284 34.42 -33.13 -6.85
C ALA A 284 33.00 -33.36 -6.34
N ARG A 285 32.07 -33.75 -7.23
CA ARG A 285 30.65 -34.06 -6.95
C ARG A 285 29.89 -32.86 -6.33
N LYS A 286 30.29 -31.63 -6.67
CA LYS A 286 29.69 -30.38 -6.19
C LYS A 286 29.71 -29.32 -7.29
N CYS A 287 28.73 -28.40 -7.28
CA CYS A 287 28.60 -27.30 -8.24
C CYS A 287 27.80 -26.13 -7.71
N GLY A 288 28.08 -24.95 -8.23
CA GLY A 288 27.39 -23.71 -7.88
C GLY A 288 26.30 -23.37 -8.87
N LEU A 289 25.52 -22.32 -8.59
CA LEU A 289 24.45 -21.88 -9.47
C LEU A 289 24.39 -20.36 -9.59
N HIS A 290 24.39 -19.85 -10.84
CA HIS A 290 24.29 -18.42 -11.11
C HIS A 290 22.85 -18.13 -11.54
N ILE A 291 22.19 -17.18 -10.86
CA ILE A 291 20.79 -16.84 -11.11
C ILE A 291 20.63 -15.43 -11.66
N ARG A 292 19.90 -15.30 -12.79
CA ARG A 292 19.58 -14.03 -13.43
C ARG A 292 18.06 -13.88 -13.40
N ALA A 293 17.57 -12.86 -12.70
CA ALA A 293 16.14 -12.62 -12.58
C ALA A 293 15.74 -11.26 -13.12
N GLY A 294 14.66 -11.23 -13.89
CA GLY A 294 14.09 -10.01 -14.45
C GLY A 294 13.04 -9.49 -13.50
N PRO A 295 13.32 -8.40 -12.74
CA PRO A 295 12.33 -7.93 -11.76
C PRO A 295 11.05 -7.37 -12.40
N TYR A 296 9.95 -7.39 -11.64
CA TYR A 296 8.67 -6.81 -12.07
C TYR A 296 8.88 -5.31 -12.23
N GLY A 297 8.37 -4.76 -13.33
CA GLY A 297 8.48 -3.33 -13.61
C GLY A 297 9.85 -2.89 -14.08
N HIS A 298 10.75 -3.87 -14.39
CA HIS A 298 12.11 -3.68 -14.91
C HIS A 298 13.13 -3.11 -13.91
N ALA A 299 12.74 -2.96 -12.62
CA ALA A 299 13.62 -2.42 -11.58
C ALA A 299 13.24 -2.91 -10.18
N THR A 300 14.23 -2.98 -9.28
CA THR A 300 14.06 -3.39 -7.88
C THR A 300 13.88 -2.12 -7.05
N VAL A 301 12.77 -2.02 -6.30
CA VAL A 301 12.47 -0.86 -5.47
C VAL A 301 13.29 -0.85 -4.18
N GLU A 302 13.97 0.27 -3.91
CA GLU A 302 14.73 0.49 -2.67
C GLU A 302 13.84 1.46 -1.89
N MET A 303 13.05 0.90 -0.95
CA MET A 303 12.05 1.64 -0.17
C MET A 303 12.49 2.92 0.56
N PRO A 304 13.54 2.94 1.44
CA PRO A 304 13.91 4.21 2.09
C PRO A 304 14.31 5.29 1.07
N GLU A 305 14.98 4.88 -0.02
CA GLU A 305 15.43 5.77 -1.10
C GLU A 305 14.25 6.31 -1.91
N TRP A 306 13.25 5.45 -2.22
CA TRP A 306 12.07 5.85 -2.99
C TRP A 306 11.25 6.88 -2.19
N ILE A 307 10.94 6.55 -0.92
CA ILE A 307 10.19 7.41 0.00
C ILE A 307 10.85 8.78 0.15
N HIS A 308 12.17 8.83 0.38
CA HIS A 308 12.93 10.07 0.56
C HIS A 308 12.83 11.03 -0.65
N ALA A 309 12.87 10.50 -1.88
CA ALA A 309 12.82 11.29 -3.10
C ALA A 309 11.42 11.56 -3.65
N HIS A 310 10.48 10.61 -3.45
CA HIS A 310 9.13 10.73 -4.00
C HIS A 310 8.05 11.23 -3.04
N THR A 311 8.44 11.62 -1.82
CA THR A 311 7.49 12.15 -0.82
C THR A 311 8.06 13.36 -0.08
N THR A 312 7.20 14.07 0.66
CA THR A 312 7.56 15.22 1.49
C THR A 312 7.19 14.92 2.94
N SER A 313 7.78 15.65 3.90
CA SER A 313 7.51 15.49 5.32
C SER A 313 6.12 16.01 5.69
N ASP A 314 5.58 16.97 4.92
CA ASP A 314 4.29 17.59 5.15
C ASP A 314 3.42 17.63 3.89
N PRO A 315 2.06 17.67 4.00
CA PRO A 315 1.23 17.77 2.79
C PRO A 315 1.46 19.10 2.09
N TRP A 316 1.37 19.10 0.75
CA TRP A 316 1.56 20.33 -0.04
C TRP A 316 0.32 21.22 0.00
N HIS A 317 0.54 22.54 -0.04
CA HIS A 317 -0.50 23.55 -0.10
C HIS A 317 -0.05 24.68 -1.05
N PRO A 318 -0.98 25.39 -1.76
CA PRO A 318 -0.55 26.49 -2.65
C PRO A 318 0.20 27.62 -1.93
N PRO A 319 1.02 28.44 -2.64
CA PRO A 319 1.81 29.47 -1.95
C PRO A 319 1.06 30.66 -1.33
N GLY A 320 -0.18 30.86 -1.75
CA GLY A 320 -0.98 31.99 -1.28
C GLY A 320 -0.70 33.23 -2.11
N PRO A 321 -0.89 34.46 -1.59
CA PRO A 321 -1.36 34.81 -0.23
C PRO A 321 -2.87 34.64 -0.06
N LEU A 322 -3.36 34.92 1.16
CA LEU A 322 -4.79 34.88 1.47
C LEU A 322 -5.32 36.30 1.36
N GLY A 323 -6.52 36.44 0.79
CA GLY A 323 -7.17 37.74 0.63
C GLY A 323 -8.08 38.04 1.80
N LEU A 324 -7.67 38.97 2.67
CA LEU A 324 -8.46 39.32 3.85
C LEU A 324 -9.44 40.45 3.55
N LYS A 325 -10.74 40.11 3.44
CA LYS A 325 -11.81 41.05 3.17
C LYS A 325 -12.52 41.42 4.47
N PHE A 326 -12.23 42.62 4.98
CA PHE A 326 -12.80 43.12 6.23
C PHE A 326 -14.13 43.83 5.98
N LYS A 327 -15.20 43.34 6.62
CA LYS A 327 -16.56 43.87 6.48
C LYS A 327 -17.14 44.34 7.81
N THR A 328 -18.04 45.33 7.75
CA THR A 328 -18.74 45.90 8.91
C THR A 328 -19.96 45.06 9.31
N VAL A 329 -20.38 44.14 8.42
CA VAL A 329 -21.53 43.25 8.60
C VAL A 329 -21.32 42.24 9.75
N ARG A 330 -22.42 41.83 10.41
CA ARG A 330 -22.43 40.86 11.49
C ARG A 330 -23.42 39.73 11.16
N PRO A 331 -23.01 38.44 11.25
CA PRO A 331 -23.94 37.34 10.90
C PRO A 331 -25.19 37.28 11.77
N VAL A 332 -26.34 36.94 11.14
CA VAL A 332 -27.64 36.81 11.79
C VAL A 332 -27.62 35.55 12.67
N ALA A 333 -27.72 35.72 13.99
CA ALA A 333 -27.69 34.62 14.96
C ALA A 333 -28.99 33.79 14.93
N LEU A 334 -28.88 32.55 14.45
CA LEU A 334 -30.01 31.61 14.38
C LEU A 334 -30.10 30.80 15.68
N PRO A 335 -31.33 30.45 16.17
CA PRO A 335 -31.41 29.64 17.41
C PRO A 335 -30.90 28.23 17.18
N ARG A 336 -29.97 27.79 18.06
CA ARG A 336 -29.34 26.48 18.01
C ARG A 336 -29.88 25.54 19.07
N ALA A 337 -30.17 24.29 18.67
CA ALA A 337 -30.64 23.24 19.57
C ALA A 337 -29.40 22.63 20.23
N LEU A 338 -29.37 22.61 21.57
CA LEU A 338 -28.21 22.09 22.31
C LEU A 338 -28.42 20.68 22.87
N ALA A 339 -29.69 20.21 22.90
CA ALA A 339 -30.05 18.87 23.38
C ALA A 339 -29.48 17.79 22.42
N PRO A 340 -29.04 16.60 22.91
CA PRO A 340 -28.50 15.60 21.99
C PRO A 340 -29.53 15.01 21.01
N PRO A 341 -29.11 14.52 19.81
CA PRO A 341 -30.10 13.92 18.90
C PRO A 341 -30.60 12.56 19.43
N ARG A 342 -31.83 12.17 19.05
CA ARG A 342 -32.47 10.94 19.49
CA ARG A 342 -32.44 10.93 19.50
C ARG A 342 -32.48 9.85 18.42
N ASN A 343 -32.44 8.58 18.85
CA ASN A 343 -32.50 7.35 18.04
C ASN A 343 -31.56 7.35 16.82
N VAL A 344 -30.32 7.81 17.01
CA VAL A 344 -29.33 7.89 15.94
C VAL A 344 -28.79 6.50 15.57
N ARG A 345 -28.87 6.18 14.27
CA ARG A 345 -28.40 4.93 13.67
C ARG A 345 -27.33 5.29 12.63
N VAL A 346 -26.19 4.59 12.68
CA VAL A 346 -25.06 4.78 11.76
C VAL A 346 -24.81 3.44 11.05
N THR A 347 -24.93 3.41 9.70
CA THR A 347 -24.75 2.18 8.92
C THR A 347 -23.80 2.38 7.74
N GLY A 348 -22.95 1.38 7.51
CA GLY A 348 -21.98 1.39 6.42
C GLY A 348 -20.57 1.09 6.85
N CYS A 349 -19.63 1.96 6.45
CA CYS A 349 -18.21 1.84 6.79
C CYS A 349 -17.57 3.20 7.08
N TYR A 350 -16.36 3.20 7.66
CA TYR A 350 -15.58 4.40 7.96
C TYR A 350 -14.22 4.27 7.27
N GLN A 351 -13.59 5.41 6.89
CA GLN A 351 -12.29 5.48 6.19
C GLN A 351 -12.24 4.55 4.96
N CYS A 352 -13.39 4.44 4.25
CA CYS A 352 -13.59 3.53 3.12
C CYS A 352 -13.88 4.19 1.78
N GLY A 353 -14.35 5.43 1.79
CA GLY A 353 -14.67 6.16 0.56
C GLY A 353 -16.13 6.08 0.14
N THR A 354 -16.94 5.30 0.87
CA THR A 354 -18.38 5.18 0.64
C THR A 354 -19.09 5.89 1.80
N PRO A 355 -19.87 6.96 1.52
CA PRO A 355 -20.57 7.65 2.62
C PRO A 355 -21.48 6.72 3.41
N ALA A 356 -21.40 6.80 4.75
CA ALA A 356 -22.21 6.01 5.66
C ALA A 356 -23.54 6.70 5.85
N LEU A 357 -24.60 5.92 6.12
CA LEU A 357 -25.93 6.46 6.35
C LEU A 357 -26.09 6.83 7.83
N VAL A 358 -26.39 8.12 8.10
CA VAL A 358 -26.62 8.63 9.46
C VAL A 358 -28.06 9.12 9.51
N GLU A 359 -28.87 8.47 10.37
CA GLU A 359 -30.29 8.79 10.53
C GLU A 359 -30.67 8.88 12.00
N GLY A 360 -31.64 9.76 12.30
CA GLY A 360 -32.13 9.95 13.66
C GLY A 360 -33.18 11.03 13.77
N LEU A 361 -33.33 11.59 14.98
CA LEU A 361 -34.30 12.63 15.27
C LEU A 361 -33.61 13.84 15.90
N ALA A 362 -33.69 15.00 15.23
CA ALA A 362 -33.13 16.24 15.72
C ALA A 362 -34.12 16.84 16.73
N PRO A 363 -33.65 17.27 17.94
CA PRO A 363 -34.61 17.80 18.93
C PRO A 363 -35.07 19.23 18.66
N GLY A 364 -36.08 19.68 19.40
CA GLY A 364 -36.64 21.02 19.27
C GLY A 364 -35.74 22.14 19.75
N GLY A 365 -36.17 23.38 19.52
CA GLY A 365 -35.44 24.57 19.94
C GLY A 365 -34.46 25.16 18.94
N GLY A 366 -34.50 24.67 17.71
CA GLY A 366 -33.63 25.13 16.64
C GLY A 366 -32.92 24.03 15.87
N ASN A 367 -32.05 24.43 14.92
CA ASN A 367 -31.28 23.50 14.09
C ASN A 367 -30.22 22.75 14.89
N CYS A 368 -30.07 21.45 14.61
CA CYS A 368 -29.08 20.60 15.27
C CYS A 368 -27.82 20.57 14.41
N HIS A 369 -26.73 21.17 14.91
CA HIS A 369 -25.43 21.16 14.25
C HIS A 369 -24.79 19.83 14.64
N LEU A 370 -25.16 18.78 13.88
CA LEU A 370 -24.79 17.40 14.13
C LEU A 370 -23.33 17.05 13.96
N THR A 371 -22.77 16.41 15.00
CA THR A 371 -21.40 15.90 15.05
C THR A 371 -21.43 14.40 15.33
N VAL A 372 -20.58 13.65 14.63
CA VAL A 372 -20.43 12.20 14.79
C VAL A 372 -18.97 12.03 15.20
N ASN A 373 -18.70 11.80 16.50
CA ASN A 373 -17.36 11.72 17.10
C ASN A 373 -16.55 13.01 16.81
N GLY A 374 -17.21 14.15 16.95
CA GLY A 374 -16.62 15.47 16.71
C GLY A 374 -16.59 15.91 15.26
N GLU A 375 -16.91 15.01 14.32
CA GLU A 375 -16.92 15.30 12.88
C GLU A 375 -18.23 15.96 12.49
N ASP A 376 -18.15 17.16 11.86
N ASP A 376 -18.13 17.12 11.81
CA ASP A 376 -19.33 17.90 11.40
CA ASP A 376 -19.26 17.90 11.31
C ASP A 376 -19.95 17.24 10.17
C ASP A 376 -19.92 17.16 10.14
N VAL A 377 -21.22 16.84 10.28
CA VAL A 377 -21.98 16.15 9.21
C VAL A 377 -23.16 16.99 8.68
N GLY A 378 -23.23 18.26 9.10
CA GLY A 378 -24.26 19.20 8.69
C GLY A 378 -25.24 19.57 9.78
N ALA A 379 -26.07 20.59 9.51
CA ALA A 379 -27.12 21.05 10.43
C ALA A 379 -28.49 20.60 9.93
N PHE A 380 -29.36 20.20 10.87
CA PHE A 380 -30.67 19.66 10.53
C PHE A 380 -31.80 20.30 11.32
N PRO A 381 -32.94 20.64 10.68
CA PRO A 381 -34.07 21.21 11.43
C PRO A 381 -34.70 20.16 12.37
N PRO A 382 -35.40 20.56 13.45
CA PRO A 382 -35.99 19.53 14.35
C PRO A 382 -36.87 18.52 13.63
N GLY A 383 -36.80 17.27 14.08
CA GLY A 383 -37.52 16.15 13.50
C GLY A 383 -36.59 15.14 12.87
N LYS A 384 -37.15 14.23 12.06
CA LYS A 384 -36.39 13.17 11.38
C LYS A 384 -35.40 13.71 10.36
N PHE A 385 -34.18 13.16 10.38
CA PHE A 385 -33.12 13.51 9.44
C PHE A 385 -32.46 12.26 8.89
N VAL A 386 -31.91 12.38 7.68
CA VAL A 386 -31.18 11.32 7.00
C VAL A 386 -30.06 11.96 6.18
N THR A 387 -28.82 11.49 6.39
CA THR A 387 -27.66 12.02 5.68
C THR A 387 -26.64 10.94 5.32
N ALA A 388 -25.92 11.17 4.21
CA ALA A 388 -24.86 10.29 3.74
C ALA A 388 -23.56 11.03 4.02
N ALA A 389 -22.83 10.55 5.05
CA ALA A 389 -21.60 11.20 5.49
C ALA A 389 -20.38 10.30 5.44
N LEU A 390 -19.26 10.84 4.97
CA LEU A 390 -17.98 10.13 4.92
C LEU A 390 -17.36 10.24 6.30
N LEU A 391 -17.23 9.10 7.00
CA LEU A 391 -16.70 9.08 8.36
C LEU A 391 -15.24 8.68 8.43
N ASN A 392 -14.48 9.39 9.27
CA ASN A 392 -13.06 9.15 9.49
C ASN A 392 -12.78 8.41 10.80
N THR A 393 -13.79 8.34 11.69
CA THR A 393 -13.63 7.71 13.01
C THR A 393 -14.30 6.33 13.09
N PRO A 394 -13.74 5.39 13.90
CA PRO A 394 -14.38 4.08 14.04
C PRO A 394 -15.54 4.09 15.05
N PRO A 395 -16.40 3.04 15.10
CA PRO A 395 -17.42 2.99 16.17
C PRO A 395 -16.75 2.73 17.53
N PRO A 396 -17.36 3.05 18.71
CA PRO A 396 -18.69 3.64 18.93
C PRO A 396 -18.81 5.10 18.52
N TYR A 397 -20.03 5.53 18.18
CA TYR A 397 -20.29 6.89 17.73
C TYR A 397 -21.03 7.74 18.75
N GLN A 398 -20.38 8.81 19.19
CA GLN A 398 -20.95 9.79 20.12
C GLN A 398 -21.56 10.89 19.26
N VAL A 399 -22.87 11.09 19.39
CA VAL A 399 -23.62 12.09 18.61
C VAL A 399 -24.08 13.28 19.45
N SER A 400 -23.89 14.50 18.91
CA SER A 400 -24.22 15.73 19.59
C SER A 400 -24.74 16.81 18.64
N CYS A 401 -25.49 17.78 19.18
CA CYS A 401 -26.02 18.95 18.45
C CYS A 401 -25.22 20.21 18.86
N GLY A 402 -24.19 20.03 19.69
CA GLY A 402 -23.34 21.12 20.17
C GLY A 402 -23.17 21.14 21.67
N GLY A 403 -24.06 20.47 22.38
CA GLY A 403 -24.04 20.38 23.84
C GLY A 403 -23.62 19.00 24.30
N GLU A 404 -24.49 18.32 25.07
CA GLU A 404 -24.25 16.98 25.58
C GLU A 404 -24.31 15.93 24.46
N SER A 405 -23.55 14.85 24.62
CA SER A 405 -23.47 13.76 23.65
C SER A 405 -24.24 12.52 24.09
N ASP A 406 -24.68 11.72 23.10
CA ASP A 406 -25.39 10.46 23.32
C ASP A 406 -24.78 9.37 22.45
N ARG A 407 -24.87 8.10 22.89
CA ARG A 407 -24.35 6.95 22.17
C ARG A 407 -25.34 6.51 21.09
N ALA A 408 -24.88 6.50 19.83
CA ALA A 408 -25.69 6.09 18.68
C ALA A 408 -25.58 4.58 18.46
N SER A 409 -26.59 4.01 17.79
CA SER A 409 -26.66 2.61 17.40
C SER A 409 -25.80 2.50 16.12
N ALA A 410 -24.91 1.50 16.05
CA ALA A 410 -24.04 1.38 14.88
C ALA A 410 -23.85 -0.01 14.32
N ARG A 411 -23.81 -0.08 12.99
CA ARG A 411 -23.54 -1.27 12.19
C ARG A 411 -22.55 -0.79 11.12
N VAL A 412 -21.32 -0.49 11.58
CA VAL A 412 -20.25 0.08 10.78
C VAL A 412 -19.03 -0.85 10.78
N ILE A 413 -18.53 -1.17 9.57
CA ILE A 413 -17.37 -2.03 9.37
C ILE A 413 -16.11 -1.21 9.05
N ASP A 414 -14.92 -1.79 9.28
CA ASP A 414 -13.64 -1.11 9.04
C ASP A 414 -13.23 -1.11 7.54
N PRO A 415 -12.22 -0.31 7.11
CA PRO A 415 -11.84 -0.30 5.69
C PRO A 415 -11.43 -1.66 5.12
N ALA A 416 -10.74 -2.50 5.92
CA ALA A 416 -10.32 -3.85 5.51
C ALA A 416 -11.54 -4.73 5.26
N ALA A 417 -12.55 -4.69 6.16
CA ALA A 417 -13.80 -5.46 6.01
C ALA A 417 -14.59 -5.00 4.78
N GLN A 418 -14.59 -3.68 4.49
CA GLN A 418 -15.24 -3.09 3.31
C GLN A 418 -14.62 -3.62 2.02
N SER A 419 -13.28 -3.73 1.98
CA SER A 419 -12.52 -4.23 0.84
C SER A 419 -12.87 -5.69 0.50
N PHE A 420 -13.32 -6.47 1.50
CA PHE A 420 -13.72 -7.86 1.33
C PHE A 420 -15.26 -8.05 1.28
N THR A 421 -16.02 -6.94 1.33
CA THR A 421 -17.48 -6.96 1.25
C THR A 421 -17.89 -6.90 -0.22
#